data_6U63
#
_entry.id   6U63
#
_cell.length_a   68.980
_cell.length_b   69.600
_cell.length_c   110.340
_cell.angle_alpha   90.000
_cell.angle_beta   90.000
_cell.angle_gamma   90.000
#
_symmetry.space_group_name_H-M   'P 21 21 21'
#
loop_
_entity.id
_entity.type
_entity.pdbx_description
1 polymer 'Induced myeloid leukemia cell differentiation protein Mcl-1'
2 non-polymer '2-{[(naphthalen-2-yl)sulfonyl]amino}-5-[(2-phenylethyl)sulfanyl]benzoic acid'
3 water water
#
_entity_poly.entity_id   1
_entity_poly.type   'polypeptide(L)'
_entity_poly.pdbx_seq_one_letter_code
;SNAEDELYRQSLEIISRYLREQATGAKDTKPMGRSGATSRKALETLRRVGDGVQRNHETAFQGMLRKLDIKNEDDVKSLS
RVMIHVFSDGVTNWGRIVTLISFGAFVAKHLKTINQESCIEPLAESITDVLVRTKRDWLVKQRGWDGFVEFFHVED
;
_entity_poly.pdbx_strand_id   A,B,C,D
#
# COMPACT_ATOMS: atom_id res chain seq x y z
N ASP A 5 8.29 13.32 -7.27
CA ASP A 5 9.56 12.97 -6.64
C ASP A 5 9.38 11.82 -5.62
N GLU A 6 10.39 10.93 -5.55
CA GLU A 6 10.43 9.77 -4.65
C GLU A 6 10.23 10.13 -3.18
N LEU A 7 10.97 11.15 -2.67
CA LEU A 7 10.89 11.61 -1.28
C LEU A 7 9.53 12.25 -0.96
N TYR A 8 8.96 13.03 -1.91
CA TYR A 8 7.66 13.67 -1.73
C TYR A 8 6.56 12.60 -1.65
N ARG A 9 6.60 11.61 -2.57
CA ARG A 9 5.62 10.51 -2.63
C ARG A 9 5.70 9.66 -1.36
N GLN A 10 6.91 9.41 -0.84
CA GLN A 10 7.16 8.63 0.38
C GLN A 10 6.56 9.35 1.58
N SER A 11 6.83 10.67 1.70
CA SER A 11 6.32 11.53 2.78
C SER A 11 4.79 11.68 2.73
N LEU A 12 4.22 11.83 1.50
CA LEU A 12 2.78 11.97 1.29
C LEU A 12 2.05 10.68 1.68
N GLU A 13 2.65 9.51 1.40
CA GLU A 13 2.06 8.22 1.74
C GLU A 13 2.05 7.98 3.26
N ILE A 14 3.14 8.33 3.97
CA ILE A 14 3.28 8.16 5.43
C ILE A 14 2.30 9.06 6.17
N ILE A 15 2.30 10.39 5.86
CA ILE A 15 1.47 11.41 6.50
C ILE A 15 -0.03 11.17 6.18
N SER A 16 -0.40 10.89 4.91
CA SER A 16 -1.80 10.62 4.54
C SER A 16 -2.36 9.41 5.27
N ARG A 17 -1.63 8.27 5.24
CA ARG A 17 -2.03 7.01 5.89
C ARG A 17 -2.19 7.19 7.39
N TYR A 18 -1.33 8.01 8.03
CA TYR A 18 -1.44 8.27 9.46
C TYR A 18 -2.66 9.14 9.75
N LEU A 19 -2.85 10.23 8.98
CA LEU A 19 -4.00 11.15 9.11
C LEU A 19 -5.33 10.41 8.91
N ARG A 20 -5.37 9.46 7.97
CA ARG A 20 -6.56 8.64 7.69
C ARG A 20 -6.86 7.68 8.84
N GLU A 21 -5.82 7.05 9.40
CA GLU A 21 -5.90 6.10 10.52
C GLU A 21 -6.46 6.75 11.79
N GLN A 22 -6.05 8.00 12.06
CA GLN A 22 -6.45 8.79 13.23
C GLN A 22 -7.86 9.37 13.07
N ALA A 23 -8.16 9.99 11.91
CA ALA A 23 -9.43 10.66 11.62
C ALA A 23 -10.56 9.71 11.21
N THR A 24 -10.24 8.67 10.44
CA THR A 24 -11.21 7.68 9.95
C THR A 24 -10.78 6.31 10.54
N GLY A 25 -10.79 5.25 9.72
CA GLY A 25 -10.39 3.92 10.15
C GLY A 25 -9.61 3.18 9.08
N ALA A 26 -8.29 3.01 9.32
CA ALA A 26 -7.38 2.32 8.40
C ALA A 26 -7.34 0.78 8.64
N LYS A 27 -6.57 0.02 7.83
CA LYS A 27 -5.75 0.49 6.71
C LYS A 27 -5.87 -0.44 5.50
N ASP A 28 -5.85 0.14 4.29
CA ASP A 28 -5.92 -0.58 3.02
C ASP A 28 -4.57 -0.46 2.30
N THR A 29 -3.57 -1.23 2.77
CA THR A 29 -2.21 -1.24 2.21
C THR A 29 -2.17 -2.15 0.98
N ARG A 34 1.16 -1.95 -0.63
CA ARG A 34 1.00 -0.62 -1.21
C ARG A 34 2.36 0.01 -1.52
N SER A 35 3.16 0.34 -0.47
CA SER A 35 4.48 0.95 -0.62
C SER A 35 5.59 0.03 -0.09
N GLY A 36 6.81 0.59 0.04
CA GLY A 36 7.98 -0.13 0.52
C GLY A 36 8.02 -0.37 2.01
N ALA A 37 9.13 -0.99 2.48
CA ALA A 37 9.36 -1.34 3.88
C ALA A 37 9.61 -0.11 4.76
N THR A 38 10.38 0.88 4.25
CA THR A 38 10.72 2.12 4.97
C THR A 38 9.45 2.91 5.32
N SER A 39 8.49 3.01 4.36
CA SER A 39 7.21 3.69 4.54
C SER A 39 6.36 2.96 5.59
N ARG A 40 6.38 1.61 5.55
CA ARG A 40 5.67 0.74 6.49
C ARG A 40 6.28 0.83 7.89
N LYS A 41 7.62 0.96 7.97
CA LYS A 41 8.34 1.10 9.24
C LYS A 41 8.13 2.49 9.85
N ALA A 42 8.14 3.56 9.00
CA ALA A 42 7.94 4.95 9.42
C ALA A 42 6.52 5.18 9.91
N LEU A 43 5.51 4.51 9.31
CA LEU A 43 4.11 4.62 9.72
C LEU A 43 3.93 4.04 11.14
N GLU A 44 4.56 2.88 11.42
CA GLU A 44 4.55 2.22 12.73
C GLU A 44 5.19 3.13 13.79
N THR A 45 6.33 3.76 13.45
CA THR A 45 7.10 4.66 14.31
C THR A 45 6.25 5.88 14.69
N LEU A 46 5.64 6.54 13.68
CA LEU A 46 4.79 7.72 13.82
C LEU A 46 3.49 7.39 14.59
N ARG A 47 3.01 6.14 14.52
CA ARG A 47 1.82 5.67 15.23
C ARG A 47 2.12 5.61 16.75
N ARG A 48 3.31 5.10 17.14
CA ARG A 48 3.79 4.99 18.53
C ARG A 48 4.05 6.34 19.18
N VAL A 49 4.80 7.23 18.48
CA VAL A 49 5.21 8.56 18.96
C VAL A 49 4.03 9.53 18.89
N GLY A 50 3.30 9.53 17.77
CA GLY A 50 2.14 10.39 17.53
C GLY A 50 1.05 10.31 18.59
N ASP A 51 0.82 9.10 19.16
CA ASP A 51 -0.17 8.87 20.22
C ASP A 51 0.23 9.64 21.48
N GLY A 52 1.51 9.57 21.83
CA GLY A 52 2.08 10.26 22.99
C GLY A 52 2.17 11.77 22.82
N VAL A 53 2.50 12.25 21.60
CA VAL A 53 2.65 13.67 21.30
C VAL A 53 1.28 14.37 21.38
N GLN A 54 0.25 13.77 20.76
CA GLN A 54 -1.13 14.29 20.77
C GLN A 54 -1.69 14.39 22.20
N ARG A 55 -1.24 13.50 23.11
CA ARG A 55 -1.64 13.48 24.52
C ARG A 55 -0.90 14.54 25.33
N ASN A 56 0.44 14.62 25.15
CA ASN A 56 1.32 15.54 25.88
C ASN A 56 1.15 17.00 25.46
N HIS A 57 0.81 17.26 24.18
CA HIS A 57 0.62 18.60 23.64
C HIS A 57 -0.87 18.96 23.46
N GLU A 58 -1.78 18.09 23.96
CA GLU A 58 -3.24 18.21 23.87
C GLU A 58 -3.75 19.64 24.09
N THR A 59 -3.31 20.33 25.16
CA THR A 59 -3.73 21.69 25.51
C THR A 59 -3.24 22.69 24.44
N ALA A 60 -1.95 22.61 24.05
CA ALA A 60 -1.36 23.48 23.02
C ALA A 60 -2.05 23.29 21.68
N PHE A 61 -2.27 22.01 21.30
CA PHE A 61 -2.91 21.56 20.05
C PHE A 61 -4.33 22.10 19.95
N GLN A 62 -5.10 22.06 21.06
CA GLN A 62 -6.47 22.56 21.15
C GLN A 62 -6.51 24.08 20.95
N GLY A 63 -5.58 24.79 21.57
CA GLY A 63 -5.44 26.24 21.48
C GLY A 63 -5.05 26.71 20.09
N MET A 64 -4.17 25.96 19.40
CA MET A 64 -3.71 26.28 18.05
C MET A 64 -4.82 26.02 17.03
N LEU A 65 -5.62 24.95 17.24
CA LEU A 65 -6.74 24.57 16.40
C LEU A 65 -7.83 25.64 16.46
N ARG A 66 -8.11 26.17 17.67
CA ARG A 66 -9.09 27.22 17.93
C ARG A 66 -8.73 28.50 17.15
N LYS A 67 -7.42 28.84 17.08
CA LYS A 67 -6.87 30.01 16.37
C LYS A 67 -7.09 29.94 14.86
N LEU A 68 -6.87 28.75 14.25
CA LEU A 68 -7.01 28.52 12.81
C LEU A 68 -8.46 28.63 12.34
N ASP A 69 -9.43 28.29 13.22
CA ASP A 69 -10.89 28.34 13.02
C ASP A 69 -11.28 27.67 11.69
N ILE A 70 -11.25 26.32 11.65
CA ILE A 70 -11.60 25.55 10.46
C ILE A 70 -13.06 25.10 10.55
N LYS A 71 -13.85 25.44 9.51
CA LYS A 71 -15.27 25.09 9.42
C LYS A 71 -15.66 24.72 7.98
N ASN A 72 -14.87 25.16 6.98
CA ASN A 72 -15.10 24.89 5.55
C ASN A 72 -13.79 24.52 4.82
N GLU A 73 -13.90 24.14 3.53
CA GLU A 73 -12.80 23.72 2.66
C GLU A 73 -11.76 24.83 2.42
N ASP A 74 -12.19 26.11 2.39
CA ASP A 74 -11.30 27.26 2.19
C ASP A 74 -10.30 27.41 3.33
N ASP A 75 -10.74 27.11 4.57
CA ASP A 75 -9.95 27.22 5.80
C ASP A 75 -8.74 26.28 5.82
N VAL A 76 -8.87 25.06 5.28
CA VAL A 76 -7.77 24.08 5.27
C VAL A 76 -6.73 24.47 4.19
N LYS A 77 -7.17 25.13 3.10
CA LYS A 77 -6.31 25.60 2.00
C LYS A 77 -5.46 26.79 2.44
N SER A 78 -5.89 27.50 3.51
CA SER A 78 -5.20 28.66 4.07
C SER A 78 -4.23 28.27 5.19
N LEU A 79 -4.39 27.07 5.78
CA LEU A 79 -3.57 26.55 6.87
C LEU A 79 -2.07 26.50 6.54
N SER A 80 -1.71 26.18 5.28
CA SER A 80 -0.34 26.08 4.75
C SER A 80 0.49 27.35 5.00
N ARG A 81 -0.12 28.55 4.84
CA ARG A 81 0.51 29.85 5.03
C ARG A 81 0.92 30.08 6.48
N VAL A 82 0.10 29.63 7.45
CA VAL A 82 0.37 29.76 8.89
C VAL A 82 1.46 28.76 9.28
N MET A 83 1.39 27.52 8.76
CA MET A 83 2.31 26.42 9.04
C MET A 83 3.74 26.72 8.57
N ILE A 84 3.93 27.28 7.34
CA ILE A 84 5.27 27.59 6.80
C ILE A 84 5.95 28.73 7.60
N HIS A 85 5.19 29.67 8.17
CA HIS A 85 5.76 30.77 8.94
C HIS A 85 6.29 30.33 10.30
N VAL A 86 5.64 29.32 10.91
CA VAL A 86 6.01 28.78 12.22
C VAL A 86 7.16 27.76 12.08
N PHE A 87 6.97 26.74 11.21
CA PHE A 87 7.90 25.63 10.98
C PHE A 87 9.25 26.05 10.36
N SER A 88 9.29 27.13 9.57
CA SER A 88 10.54 27.59 8.93
C SER A 88 11.48 28.27 9.93
N ASP A 89 10.97 29.18 10.77
CA ASP A 89 11.76 29.90 11.76
C ASP A 89 12.18 28.98 12.91
N GLY A 90 13.43 29.12 13.34
CA GLY A 90 14.00 28.33 14.43
C GLY A 90 14.78 27.09 14.01
N VAL A 91 15.19 26.29 15.01
CA VAL A 91 15.96 25.05 14.82
C VAL A 91 15.14 23.96 14.13
N THR A 92 15.83 23.07 13.41
CA THR A 92 15.24 21.92 12.73
C THR A 92 15.68 20.65 13.47
N ASN A 93 14.70 19.86 13.92
CA ASN A 93 14.92 18.61 14.63
C ASN A 93 13.76 17.67 14.36
N TRP A 94 13.94 16.37 14.66
CA TRP A 94 12.89 15.36 14.43
C TRP A 94 11.69 15.58 15.34
N GLY A 95 11.93 16.06 16.56
CA GLY A 95 10.90 16.38 17.53
C GLY A 95 9.84 17.31 16.97
N ARG A 96 10.29 18.41 16.32
CA ARG A 96 9.44 19.42 15.67
C ARG A 96 8.73 18.86 14.42
N ILE A 97 9.35 17.88 13.73
CA ILE A 97 8.79 17.25 12.52
C ILE A 97 7.59 16.36 12.89
N VAL A 98 7.71 15.54 13.95
CA VAL A 98 6.66 14.62 14.40
C VAL A 98 5.47 15.39 14.99
N THR A 99 5.74 16.43 15.81
CA THR A 99 4.71 17.26 16.47
CA THR A 99 4.67 17.21 16.45
C THR A 99 3.88 17.99 15.39
N LEU A 100 4.51 18.38 14.25
CA LEU A 100 3.82 19.07 13.15
C LEU A 100 2.84 18.09 12.49
N ILE A 101 3.27 16.83 12.25
CA ILE A 101 2.45 15.76 11.66
C ILE A 101 1.38 15.33 12.68
N SER A 102 1.76 15.22 13.99
CA SER A 102 0.85 14.85 15.09
C SER A 102 -0.26 15.90 15.24
N PHE A 103 0.07 17.20 15.03
CA PHE A 103 -0.90 18.29 15.05
C PHE A 103 -1.85 18.14 13.87
N GLY A 104 -1.30 17.75 12.72
CA GLY A 104 -2.05 17.47 11.50
C GLY A 104 -3.07 16.39 11.70
N ALA A 105 -2.68 15.31 12.42
CA ALA A 105 -3.55 14.19 12.79
C ALA A 105 -4.68 14.66 13.70
N PHE A 106 -4.36 15.60 14.62
CA PHE A 106 -5.32 16.21 15.56
C PHE A 106 -6.29 17.12 14.78
N VAL A 107 -5.81 17.80 13.72
CA VAL A 107 -6.63 18.67 12.85
C VAL A 107 -7.54 17.77 12.01
N ALA A 108 -7.00 16.63 11.53
CA ALA A 108 -7.74 15.64 10.74
C ALA A 108 -8.91 15.06 11.56
N LYS A 109 -8.68 14.86 12.88
CA LYS A 109 -9.69 14.37 13.82
C LYS A 109 -10.83 15.39 13.93
N HIS A 110 -10.49 16.69 14.05
CA HIS A 110 -11.42 17.82 14.12
C HIS A 110 -12.22 17.94 12.81
N LEU A 111 -11.57 17.67 11.66
CA LEU A 111 -12.16 17.69 10.31
C LEU A 111 -13.28 16.65 10.17
N LYS A 112 -13.15 15.50 10.86
CA LYS A 112 -14.17 14.45 10.88
C LYS A 112 -15.36 14.89 11.73
N THR A 113 -15.11 15.68 12.79
CA THR A 113 -16.11 16.22 13.72
C THR A 113 -16.99 17.27 13.03
N ILE A 114 -16.37 18.20 12.26
CA ILE A 114 -17.06 19.30 11.57
C ILE A 114 -17.61 18.86 10.19
N ASN A 115 -17.72 17.54 9.96
CA ASN A 115 -18.25 16.89 8.75
C ASN A 115 -17.53 17.37 7.46
N GLN A 116 -16.19 17.51 7.53
CA GLN A 116 -15.36 17.95 6.41
C GLN A 116 -14.27 16.88 6.14
N GLU A 117 -14.69 15.61 6.01
CA GLU A 117 -13.82 14.45 5.76
C GLU A 117 -12.99 14.60 4.49
N SER A 118 -13.60 15.18 3.43
CA SER A 118 -12.97 15.38 2.12
C SER A 118 -11.75 16.35 2.18
N CYS A 119 -11.53 17.05 3.31
CA CYS A 119 -10.43 18.00 3.52
C CYS A 119 -9.20 17.35 4.18
N ILE A 120 -9.27 16.07 4.60
CA ILE A 120 -8.15 15.37 5.25
C ILE A 120 -6.99 15.17 4.25
N GLU A 121 -7.30 14.77 2.99
CA GLU A 121 -6.30 14.55 1.93
C GLU A 121 -5.61 15.89 1.56
N PRO A 122 -6.31 17.02 1.24
CA PRO A 122 -5.60 18.29 1.02
C PRO A 122 -4.81 18.77 2.24
N LEU A 123 -5.25 18.41 3.48
CA LEU A 123 -4.56 18.75 4.72
C LEU A 123 -3.24 17.96 4.79
N ALA A 124 -3.28 16.67 4.38
CA ALA A 124 -2.11 15.78 4.35
C ALA A 124 -1.12 16.30 3.31
N GLU A 125 -1.64 16.81 2.17
CA GLU A 125 -0.87 17.40 1.07
C GLU A 125 -0.19 18.68 1.58
N SER A 126 -0.95 19.50 2.33
CA SER A 126 -0.49 20.76 2.93
C SER A 126 0.71 20.54 3.86
N ILE A 127 0.59 19.61 4.85
CA ILE A 127 1.64 19.28 5.82
C ILE A 127 2.90 18.76 5.09
N THR A 128 2.72 17.83 4.12
CA THR A 128 3.80 17.26 3.31
C THR A 128 4.49 18.38 2.53
N ASP A 129 3.72 19.33 1.96
CA ASP A 129 4.25 20.48 1.23
C ASP A 129 5.05 21.39 2.18
N VAL A 130 4.54 21.61 3.42
CA VAL A 130 5.22 22.43 4.45
C VAL A 130 6.54 21.75 4.86
N LEU A 131 6.51 20.43 5.11
CA LEU A 131 7.67 19.64 5.52
C LEU A 131 8.76 19.54 4.44
N VAL A 132 8.38 19.19 3.20
CA VAL A 132 9.32 18.98 2.10
C VAL A 132 9.86 20.33 1.56
N ARG A 133 9.00 21.29 1.18
CA ARG A 133 9.45 22.59 0.63
C ARG A 133 10.33 23.42 1.62
N THR A 134 10.29 23.08 2.92
CA THR A 134 11.05 23.77 3.96
C THR A 134 12.26 22.94 4.45
N LYS A 135 12.11 21.61 4.58
CA LYS A 135 13.20 20.80 5.15
C LYS A 135 13.74 19.67 4.23
N ARG A 136 13.42 19.67 2.90
CA ARG A 136 13.89 18.63 1.96
C ARG A 136 15.38 18.29 2.16
N ASP A 137 16.26 19.31 2.10
CA ASP A 137 17.72 19.17 2.25
C ASP A 137 18.10 18.52 3.59
N TRP A 138 17.55 19.02 4.72
CA TRP A 138 17.79 18.45 6.06
C TRP A 138 17.38 16.97 6.10
N LEU A 139 16.27 16.61 5.43
CA LEU A 139 15.76 15.24 5.34
C LEU A 139 16.75 14.34 4.59
N VAL A 140 17.27 14.79 3.43
CA VAL A 140 18.24 14.04 2.60
C VAL A 140 19.52 13.75 3.43
N LYS A 141 19.97 14.74 4.23
CA LYS A 141 21.15 14.67 5.10
C LYS A 141 20.95 13.61 6.20
N GLN A 142 19.74 13.53 6.77
CA GLN A 142 19.40 12.59 7.85
C GLN A 142 18.89 11.24 7.33
N ARG A 143 19.13 10.92 6.02
CA ARG A 143 18.73 9.69 5.33
C ARG A 143 17.19 9.50 5.33
N GLY A 144 16.47 10.61 5.23
CA GLY A 144 15.01 10.67 5.18
C GLY A 144 14.28 9.98 6.31
N TRP A 145 13.30 9.13 5.93
CA TRP A 145 12.45 8.41 6.86
C TRP A 145 13.18 7.25 7.58
N ASP A 146 14.39 6.89 7.12
CA ASP A 146 15.20 5.87 7.79
C ASP A 146 15.79 6.46 9.08
N GLY A 147 16.16 7.74 9.02
CA GLY A 147 16.69 8.49 10.17
C GLY A 147 15.59 8.75 11.19
N PHE A 148 14.35 8.92 10.70
CA PHE A 148 13.14 9.14 11.49
C PHE A 148 12.87 7.92 12.39
N VAL A 149 13.01 6.70 11.84
CA VAL A 149 12.82 5.43 12.55
C VAL A 149 13.93 5.27 13.61
N GLU A 150 15.19 5.51 13.20
CA GLU A 150 16.38 5.39 14.06
C GLU A 150 16.34 6.36 15.25
N PHE A 151 15.87 7.61 15.02
CA PHE A 151 15.79 8.63 16.06
C PHE A 151 14.66 8.31 17.06
N PHE A 152 13.54 7.73 16.59
CA PHE A 152 12.43 7.45 17.48
C PHE A 152 12.31 5.95 17.81
N HIS A 153 13.45 5.33 18.19
CA HIS A 153 13.49 3.94 18.61
C HIS A 153 13.07 3.85 20.08
N VAL A 154 13.51 4.83 20.90
CA VAL A 154 13.20 4.94 22.33
C VAL A 154 12.05 5.94 22.55
N ASP B 5 22.51 -15.80 30.33
CA ASP B 5 22.03 -16.29 29.03
C ASP B 5 21.74 -15.10 28.12
N GLU B 6 22.71 -14.77 27.24
CA GLU B 6 22.63 -13.66 26.28
C GLU B 6 21.45 -13.83 25.32
N LEU B 7 21.20 -15.07 24.83
CA LEU B 7 20.09 -15.34 23.91
C LEU B 7 18.72 -15.14 24.60
N TYR B 8 18.54 -15.65 25.83
CA TYR B 8 17.30 -15.50 26.60
C TYR B 8 17.05 -14.01 26.93
N ARG B 9 18.08 -13.30 27.46
CA ARG B 9 18.03 -11.89 27.84
C ARG B 9 17.69 -10.99 26.64
N GLN B 10 18.35 -11.22 25.50
CA GLN B 10 18.13 -10.46 24.26
C GLN B 10 16.71 -10.65 23.77
N SER B 11 16.23 -11.91 23.71
CA SER B 11 14.88 -12.25 23.25
C SER B 11 13.82 -11.68 24.20
N LEU B 12 14.06 -11.75 25.54
CA LEU B 12 13.13 -11.23 26.55
C LEU B 12 12.96 -9.72 26.41
N GLU B 13 14.06 -8.99 26.12
CA GLU B 13 14.02 -7.54 25.94
C GLU B 13 13.16 -7.17 24.73
N ILE B 14 13.33 -7.89 23.60
CA ILE B 14 12.60 -7.68 22.34
C ILE B 14 11.11 -8.06 22.50
N ILE B 15 10.81 -9.29 22.98
CA ILE B 15 9.45 -9.82 23.12
C ILE B 15 8.65 -9.02 24.17
N SER B 16 9.24 -8.71 25.34
CA SER B 16 8.55 -7.94 26.39
C SER B 16 8.15 -6.55 25.92
N ARG B 17 9.12 -5.77 25.36
CA ARG B 17 8.90 -4.41 24.88
C ARG B 17 7.78 -4.37 23.84
N TYR B 18 7.81 -5.28 22.86
CA TYR B 18 6.80 -5.37 21.80
C TYR B 18 5.43 -5.71 22.36
N LEU B 19 5.34 -6.71 23.27
CA LEU B 19 4.08 -7.12 23.91
C LEU B 19 3.48 -6.00 24.76
N ARG B 20 4.31 -5.20 25.45
CA ARG B 20 3.85 -4.07 26.26
C ARG B 20 3.41 -2.90 25.38
N GLU B 21 4.19 -2.61 24.31
CA GLU B 21 3.95 -1.55 23.32
C GLU B 21 2.60 -1.71 22.63
N GLN B 22 2.31 -2.93 22.14
CA GLN B 22 1.09 -3.28 21.43
C GLN B 22 -0.13 -3.23 22.35
N ALA B 23 0.05 -3.58 23.64
CA ALA B 23 -1.03 -3.60 24.62
C ALA B 23 -1.28 -2.24 25.27
N THR B 24 -0.24 -1.60 25.84
CA THR B 24 -0.36 -0.32 26.56
C THR B 24 0.04 0.86 25.66
N GLY B 25 1.32 0.98 25.33
CA GLY B 25 1.85 2.06 24.49
C GLY B 25 3.23 2.53 24.91
N SER B 35 18.52 -2.87 26.86
CA SER B 35 19.77 -2.35 26.30
C SER B 35 20.40 -3.34 25.33
N GLY B 36 20.90 -2.83 24.21
CA GLY B 36 21.54 -3.64 23.16
C GLY B 36 21.40 -3.08 21.75
N ALA B 37 22.43 -3.30 20.92
CA ALA B 37 22.47 -2.83 19.53
C ALA B 37 21.70 -3.76 18.59
N THR B 38 22.01 -5.08 18.60
CA THR B 38 21.36 -6.10 17.77
C THR B 38 19.88 -6.23 18.17
N SER B 39 19.59 -6.13 19.48
CA SER B 39 18.25 -6.20 20.06
C SER B 39 17.37 -5.02 19.60
N ARG B 40 17.98 -3.85 19.35
CA ARG B 40 17.29 -2.64 18.88
C ARG B 40 16.81 -2.80 17.43
N LYS B 41 17.71 -3.25 16.53
CA LYS B 41 17.40 -3.47 15.12
C LYS B 41 16.38 -4.61 14.94
N ALA B 42 16.44 -5.65 15.81
CA ALA B 42 15.52 -6.79 15.78
C ALA B 42 14.12 -6.36 16.22
N LEU B 43 14.03 -5.39 17.16
CA LEU B 43 12.78 -4.84 17.66
C LEU B 43 12.07 -4.05 16.55
N GLU B 44 12.83 -3.27 15.75
CA GLU B 44 12.31 -2.47 14.64
C GLU B 44 11.82 -3.38 13.51
N THR B 45 12.56 -4.47 13.24
CA THR B 45 12.25 -5.47 12.22
C THR B 45 10.91 -6.14 12.58
N LEU B 46 10.75 -6.52 13.86
CA LEU B 46 9.55 -7.14 14.42
C LEU B 46 8.34 -6.19 14.36
N ARG B 47 8.55 -4.89 14.68
CA ARG B 47 7.54 -3.83 14.65
C ARG B 47 6.90 -3.68 13.26
N ARG B 48 7.71 -3.84 12.20
CA ARG B 48 7.31 -3.71 10.80
C ARG B 48 6.61 -5.00 10.29
N VAL B 49 7.27 -6.17 10.43
CA VAL B 49 6.78 -7.46 9.93
C VAL B 49 5.53 -7.96 10.71
N GLY B 50 5.49 -7.74 12.03
CA GLY B 50 4.40 -8.18 12.89
C GLY B 50 3.19 -7.27 12.95
N ASP B 51 3.28 -6.09 12.29
CA ASP B 51 2.23 -5.06 12.26
C ASP B 51 0.92 -5.56 11.62
N GLY B 52 1.01 -6.08 10.40
CA GLY B 52 -0.13 -6.59 9.66
C GLY B 52 -0.60 -7.97 10.07
N VAL B 53 0.35 -8.86 10.46
CA VAL B 53 0.15 -10.25 10.86
C VAL B 53 -1.05 -10.43 11.81
N GLN B 54 -1.17 -9.59 12.87
CA GLN B 54 -2.25 -9.64 13.86
C GLN B 54 -3.64 -9.45 13.22
N ARG B 55 -3.81 -8.39 12.40
CA ARG B 55 -5.06 -8.09 11.69
C ARG B 55 -5.36 -9.15 10.63
N ASN B 56 -4.29 -9.67 9.98
CA ASN B 56 -4.39 -10.68 8.93
C ASN B 56 -4.76 -12.06 9.50
N HIS B 57 -4.44 -12.34 10.78
CA HIS B 57 -4.72 -13.60 11.46
C HIS B 57 -5.84 -13.49 12.52
N GLU B 58 -6.56 -12.34 12.58
CA GLU B 58 -7.64 -12.02 13.53
C GLU B 58 -8.55 -13.22 13.85
N THR B 59 -8.96 -13.99 12.83
CA THR B 59 -9.83 -15.17 12.97
C THR B 59 -9.11 -16.32 13.70
N ALA B 60 -7.92 -16.71 13.19
CA ALA B 60 -7.11 -17.80 13.75
C ALA B 60 -6.65 -17.47 15.16
N PHE B 61 -6.19 -16.21 15.39
CA PHE B 61 -5.71 -15.71 16.67
C PHE B 61 -6.83 -15.68 17.73
N GLN B 62 -8.05 -15.24 17.35
CA GLN B 62 -9.18 -15.19 18.29
C GLN B 62 -9.62 -16.60 18.70
N GLY B 63 -9.67 -17.51 17.73
CA GLY B 63 -10.06 -18.91 17.94
C GLY B 63 -9.11 -19.67 18.83
N MET B 64 -7.81 -19.34 18.76
CA MET B 64 -6.76 -19.95 19.54
C MET B 64 -6.80 -19.46 20.98
N LEU B 65 -7.02 -18.15 21.16
CA LEU B 65 -7.16 -17.48 22.46
C LEU B 65 -8.40 -18.00 23.20
N ARG B 66 -9.50 -18.23 22.45
CA ARG B 66 -10.76 -18.74 22.96
C ARG B 66 -10.62 -20.17 23.49
N LYS B 67 -9.79 -21.01 22.81
CA LYS B 67 -9.55 -22.38 23.22
C LYS B 67 -8.58 -22.48 24.41
N LEU B 68 -7.65 -21.51 24.52
CA LEU B 68 -6.68 -21.45 25.62
C LEU B 68 -7.35 -21.02 26.94
N ASP B 69 -8.47 -20.25 26.84
CA ASP B 69 -9.27 -19.72 27.95
C ASP B 69 -8.40 -18.98 28.98
N ILE B 70 -7.83 -17.83 28.56
CA ILE B 70 -6.96 -17.02 29.43
C ILE B 70 -7.82 -15.97 30.13
N LYS B 71 -7.89 -16.04 31.47
CA LYS B 71 -8.67 -15.14 32.32
C LYS B 71 -7.87 -14.62 33.52
N ASN B 72 -6.75 -15.30 33.89
CA ASN B 72 -5.92 -14.93 35.04
C ASN B 72 -4.44 -15.39 34.88
N GLU B 73 -3.63 -15.19 35.94
CA GLU B 73 -2.21 -15.50 36.02
C GLU B 73 -1.91 -17.01 35.88
N ASP B 74 -2.79 -17.88 36.42
CA ASP B 74 -2.62 -19.34 36.34
C ASP B 74 -2.85 -19.85 34.92
N ASP B 75 -3.72 -19.18 34.14
CA ASP B 75 -4.04 -19.52 32.76
C ASP B 75 -2.87 -19.20 31.82
N VAL B 76 -2.06 -18.18 32.18
CA VAL B 76 -0.87 -17.76 31.43
C VAL B 76 0.18 -18.89 31.52
N LYS B 77 0.29 -19.53 32.70
CA LYS B 77 1.20 -20.65 32.95
C LYS B 77 0.80 -21.90 32.14
N SER B 78 -0.52 -22.11 31.94
CA SER B 78 -1.04 -23.26 31.18
C SER B 78 -0.80 -23.11 29.68
N LEU B 79 -0.66 -21.86 29.18
CA LEU B 79 -0.42 -21.55 27.75
C LEU B 79 0.94 -22.09 27.30
N SER B 80 1.94 -22.09 28.22
CA SER B 80 3.30 -22.55 28.00
C SER B 80 3.33 -24.02 27.55
N ARG B 81 2.50 -24.88 28.20
CA ARG B 81 2.38 -26.31 27.92
C ARG B 81 1.87 -26.55 26.49
N VAL B 82 0.89 -25.76 26.05
CA VAL B 82 0.32 -25.86 24.71
C VAL B 82 1.35 -25.34 23.69
N MET B 83 2.05 -24.23 24.03
CA MET B 83 3.08 -23.60 23.19
C MET B 83 4.26 -24.53 22.90
N ILE B 84 4.79 -25.25 23.92
CA ILE B 84 5.93 -26.15 23.75
C ILE B 84 5.59 -27.33 22.82
N HIS B 85 4.32 -27.78 22.80
CA HIS B 85 3.90 -28.91 21.97
C HIS B 85 3.60 -28.52 20.51
N VAL B 86 2.94 -27.36 20.30
CA VAL B 86 2.57 -26.88 18.97
C VAL B 86 3.83 -26.38 18.23
N PHE B 87 4.69 -25.57 18.90
CA PHE B 87 5.92 -25.01 18.34
C PHE B 87 7.00 -26.08 18.04
N SER B 88 7.08 -27.17 18.84
CA SER B 88 8.06 -28.24 18.62
C SER B 88 7.78 -29.05 17.35
N ASP B 89 6.48 -29.19 16.98
CA ASP B 89 6.04 -29.94 15.82
C ASP B 89 6.33 -29.21 14.52
N GLY B 90 6.93 -29.93 13.57
CA GLY B 90 7.26 -29.41 12.25
C GLY B 90 8.59 -28.70 12.12
N VAL B 91 8.74 -27.94 11.03
CA VAL B 91 9.94 -27.19 10.68
C VAL B 91 9.98 -25.81 11.37
N THR B 92 11.19 -25.22 11.46
CA THR B 92 11.42 -23.92 12.08
C THR B 92 11.85 -22.91 11.01
N ASN B 93 11.17 -21.76 10.99
CA ASN B 93 11.46 -20.64 10.10
C ASN B 93 11.12 -19.35 10.82
N TRP B 94 11.74 -18.22 10.41
CA TRP B 94 11.55 -16.91 11.04
C TRP B 94 10.11 -16.40 10.88
N GLY B 95 9.42 -16.79 9.81
CA GLY B 95 8.03 -16.44 9.54
C GLY B 95 7.08 -16.95 10.60
N ARG B 96 7.34 -18.19 11.08
CA ARG B 96 6.59 -18.87 12.13
C ARG B 96 6.89 -18.25 13.50
N ILE B 97 8.14 -17.78 13.70
CA ILE B 97 8.61 -17.15 14.94
C ILE B 97 7.91 -15.80 15.11
N VAL B 98 7.77 -15.04 14.01
CA VAL B 98 7.10 -13.74 13.97
C VAL B 98 5.63 -13.93 14.39
N THR B 99 4.92 -14.89 13.75
CA THR B 99 3.51 -15.23 13.99
C THR B 99 3.31 -15.64 15.45
N LEU B 100 4.30 -16.31 16.05
CA LEU B 100 4.27 -16.72 17.46
C LEU B 100 4.33 -15.48 18.37
N ILE B 101 5.23 -14.52 18.06
CA ILE B 101 5.40 -13.28 18.82
C ILE B 101 4.16 -12.38 18.59
N SER B 102 3.68 -12.32 17.31
CA SER B 102 2.49 -11.58 16.89
C SER B 102 1.26 -12.02 17.69
N PHE B 103 1.10 -13.36 17.89
CA PHE B 103 0.01 -13.94 18.68
C PHE B 103 0.16 -13.55 20.16
N GLY B 104 1.40 -13.43 20.63
CA GLY B 104 1.71 -13.01 21.99
C GLY B 104 1.24 -11.58 22.24
N ALA B 105 1.51 -10.70 21.25
CA ALA B 105 1.10 -9.29 21.26
C ALA B 105 -0.43 -9.19 21.24
N PHE B 106 -1.09 -10.15 20.54
CA PHE B 106 -2.55 -10.27 20.46
C PHE B 106 -3.13 -10.65 21.83
N VAL B 107 -2.48 -11.62 22.54
CA VAL B 107 -2.89 -12.09 23.88
C VAL B 107 -2.61 -10.96 24.91
N ALA B 108 -1.53 -10.19 24.72
CA ALA B 108 -1.16 -9.06 25.58
C ALA B 108 -2.25 -7.97 25.53
N LYS B 109 -2.83 -7.72 24.34
CA LYS B 109 -3.92 -6.77 24.13
C LYS B 109 -5.18 -7.24 24.87
N HIS B 110 -5.46 -8.56 24.82
CA HIS B 110 -6.58 -9.20 25.51
C HIS B 110 -6.42 -9.10 27.03
N LEU B 111 -5.17 -9.25 27.52
CA LEU B 111 -4.82 -9.19 28.95
C LEU B 111 -5.04 -7.79 29.52
N LYS B 112 -4.69 -6.72 28.77
CA LYS B 112 -4.89 -5.33 29.20
C LYS B 112 -6.39 -5.01 29.27
N THR B 113 -7.18 -5.58 28.34
CA THR B 113 -8.62 -5.43 28.20
C THR B 113 -9.37 -6.07 29.39
N ILE B 114 -8.97 -7.28 29.82
CA ILE B 114 -9.63 -7.99 30.93
C ILE B 114 -9.04 -7.59 32.31
N ASN B 115 -8.40 -6.39 32.39
CA ASN B 115 -7.79 -5.80 33.59
C ASN B 115 -6.76 -6.77 34.23
N GLN B 116 -5.87 -7.33 33.40
CA GLN B 116 -4.82 -8.26 33.79
C GLN B 116 -3.47 -7.86 33.14
N GLU B 117 -3.18 -6.54 33.13
CA GLU B 117 -1.96 -5.93 32.56
C GLU B 117 -0.68 -6.52 33.16
N SER B 118 -0.73 -6.89 34.45
CA SER B 118 0.39 -7.48 35.22
C SER B 118 0.79 -8.87 34.70
N CYS B 119 -0.09 -9.53 33.93
CA CYS B 119 0.15 -10.86 33.37
C CYS B 119 0.88 -10.81 32.02
N ILE B 120 1.14 -9.59 31.48
CA ILE B 120 1.84 -9.37 30.21
C ILE B 120 3.31 -9.77 30.35
N GLU B 121 3.96 -9.42 31.49
CA GLU B 121 5.37 -9.77 31.75
C GLU B 121 5.54 -11.30 31.83
N PRO B 122 4.79 -12.08 32.67
CA PRO B 122 4.97 -13.54 32.66
C PRO B 122 4.71 -14.17 31.29
N LEU B 123 3.72 -13.62 30.53
CA LEU B 123 3.36 -14.08 29.18
C LEU B 123 4.57 -13.94 28.26
N ALA B 124 5.23 -12.77 28.29
CA ALA B 124 6.44 -12.47 27.50
C ALA B 124 7.58 -13.43 27.88
N GLU B 125 7.76 -13.67 29.20
CA GLU B 125 8.77 -14.59 29.75
C GLU B 125 8.52 -16.02 29.29
N SER B 126 7.22 -16.42 29.25
CA SER B 126 6.76 -17.74 28.82
C SER B 126 7.05 -17.96 27.32
N ILE B 127 6.74 -16.98 26.46
CA ILE B 127 6.96 -17.04 25.01
C ILE B 127 8.47 -17.09 24.74
N THR B 128 9.25 -16.22 25.42
CA THR B 128 10.72 -16.17 25.28
C THR B 128 11.30 -17.57 25.57
N ASP B 129 10.95 -18.16 26.74
CA ASP B 129 11.41 -19.48 27.16
C ASP B 129 11.07 -20.55 26.11
N VAL B 130 9.84 -20.54 25.58
CA VAL B 130 9.37 -21.50 24.57
C VAL B 130 10.27 -21.42 23.32
N LEU B 131 10.52 -20.21 22.79
CA LEU B 131 11.35 -20.01 21.59
C LEU B 131 12.82 -20.38 21.84
N VAL B 132 13.39 -19.88 22.94
CA VAL B 132 14.80 -20.01 23.32
C VAL B 132 15.16 -21.47 23.72
N ARG B 133 14.25 -22.22 24.38
CA ARG B 133 14.54 -23.60 24.78
C ARG B 133 14.31 -24.58 23.62
N THR B 134 13.08 -24.60 23.06
CA THR B 134 12.65 -25.49 21.96
C THR B 134 13.54 -25.35 20.71
N LYS B 135 13.95 -24.12 20.35
CA LYS B 135 14.74 -23.88 19.13
C LYS B 135 16.17 -23.37 19.44
N ARG B 136 16.81 -23.89 20.49
CA ARG B 136 18.17 -23.47 20.87
C ARG B 136 19.20 -23.80 19.77
N ASP B 137 19.11 -25.00 19.16
CA ASP B 137 20.02 -25.45 18.11
C ASP B 137 19.86 -24.60 16.83
N TRP B 138 18.60 -24.33 16.43
CA TRP B 138 18.25 -23.57 15.23
C TRP B 138 18.63 -22.10 15.34
N LEU B 139 18.35 -21.46 16.51
CA LEU B 139 18.59 -20.05 16.75
C LEU B 139 20.08 -19.69 16.72
N VAL B 140 20.94 -20.51 17.37
CA VAL B 140 22.39 -20.25 17.40
C VAL B 140 23.02 -20.52 16.01
N LYS B 141 22.45 -21.49 15.25
CA LYS B 141 22.90 -21.81 13.88
C LYS B 141 22.52 -20.67 12.94
N GLN B 142 21.35 -20.05 13.19
CA GLN B 142 20.87 -18.89 12.43
C GLN B 142 21.50 -17.57 12.94
N ARG B 143 22.43 -17.69 13.93
CA ARG B 143 23.18 -16.61 14.59
C ARG B 143 22.25 -15.62 15.30
N GLY B 144 21.37 -16.15 16.15
CA GLY B 144 20.41 -15.40 16.97
C GLY B 144 19.55 -14.42 16.23
N TRP B 145 19.34 -13.23 16.83
CA TRP B 145 18.53 -12.14 16.26
C TRP B 145 19.24 -11.42 15.10
N ASP B 146 20.55 -11.70 14.86
CA ASP B 146 21.28 -11.12 13.73
C ASP B 146 20.77 -11.73 12.42
N GLY B 147 20.43 -13.03 12.46
CA GLY B 147 19.88 -13.75 11.33
C GLY B 147 18.43 -13.37 11.04
N PHE B 148 17.70 -12.92 12.08
CA PHE B 148 16.31 -12.47 12.00
C PHE B 148 16.19 -11.20 11.16
N VAL B 149 16.99 -10.17 11.49
CA VAL B 149 17.00 -8.89 10.79
C VAL B 149 17.61 -9.09 9.38
N GLU B 150 18.58 -10.03 9.24
CA GLU B 150 19.20 -10.35 7.95
C GLU B 150 18.16 -10.96 6.98
N PHE B 151 17.28 -11.83 7.50
CA PHE B 151 16.22 -12.49 6.77
C PHE B 151 15.13 -11.50 6.28
N PHE B 152 14.76 -10.50 7.12
CA PHE B 152 13.70 -9.54 6.78
C PHE B 152 14.20 -8.14 6.36
N HIS B 153 15.52 -7.92 6.15
CA HIS B 153 16.04 -6.61 5.73
C HIS B 153 15.61 -6.33 4.28
N VAL B 154 14.49 -5.61 4.13
CA VAL B 154 13.91 -5.25 2.83
C VAL B 154 14.26 -3.81 2.49
N GLU C 4 23.53 -24.09 -5.81
CA GLU C 4 22.86 -24.73 -6.95
C GLU C 4 23.25 -23.99 -8.25
N ASP C 5 22.72 -22.75 -8.43
CA ASP C 5 22.97 -21.87 -9.57
C ASP C 5 22.70 -20.43 -9.14
N GLU C 6 23.77 -19.62 -9.06
CA GLU C 6 23.70 -18.22 -8.64
C GLU C 6 22.93 -17.35 -9.64
N LEU C 7 22.98 -17.70 -10.95
CA LEU C 7 22.28 -16.93 -11.99
C LEU C 7 20.77 -17.17 -11.96
N TYR C 8 20.32 -18.44 -11.87
CA TYR C 8 18.91 -18.83 -11.82
C TYR C 8 18.21 -18.29 -10.56
N ARG C 9 18.80 -18.55 -9.36
CA ARG C 9 18.26 -18.12 -8.06
C ARG C 9 18.08 -16.60 -7.97
N GLN C 10 19.08 -15.83 -8.44
CA GLN C 10 19.04 -14.36 -8.45
C GLN C 10 18.00 -13.85 -9.44
N SER C 11 17.97 -14.42 -10.67
CA SER C 11 17.03 -14.04 -11.73
C SER C 11 15.59 -14.37 -11.33
N LEU C 12 15.37 -15.53 -10.67
CA LEU C 12 14.05 -15.97 -10.22
C LEU C 12 13.51 -15.02 -9.16
N GLU C 13 14.37 -14.54 -8.24
CA GLU C 13 13.98 -13.60 -7.19
C GLU C 13 13.58 -12.23 -7.77
N ILE C 14 14.21 -11.80 -8.90
CA ILE C 14 13.90 -10.53 -9.55
C ILE C 14 12.61 -10.64 -10.38
N ILE C 15 12.49 -11.68 -11.23
CA ILE C 15 11.32 -11.89 -12.11
C ILE C 15 10.04 -12.16 -11.28
N SER C 16 10.06 -13.12 -10.32
CA SER C 16 8.89 -13.46 -9.49
C SER C 16 8.37 -12.27 -8.67
N ARG C 17 9.28 -11.46 -8.11
CA ARG C 17 8.91 -10.28 -7.32
C ARG C 17 8.26 -9.21 -8.19
N TYR C 18 8.81 -8.97 -9.40
CA TYR C 18 8.30 -7.98 -10.35
C TYR C 18 6.92 -8.39 -10.89
N LEU C 19 6.75 -9.69 -11.20
CA LEU C 19 5.52 -10.24 -11.77
C LEU C 19 4.34 -10.17 -10.77
N ARG C 20 4.59 -10.51 -9.48
CA ARG C 20 3.59 -10.48 -8.42
C ARG C 20 3.21 -9.03 -8.10
N GLU C 21 4.19 -8.11 -8.17
CA GLU C 21 4.01 -6.67 -7.92
C GLU C 21 3.11 -6.04 -8.98
N GLN C 22 3.26 -6.47 -10.26
CA GLN C 22 2.48 -5.98 -11.39
C GLN C 22 1.06 -6.56 -11.35
N ALA C 23 0.94 -7.84 -10.95
CA ALA C 23 -0.33 -8.57 -10.86
C ALA C 23 -1.23 -8.11 -9.71
N THR C 24 -0.70 -8.06 -8.46
CA THR C 24 -1.47 -7.71 -7.26
C THR C 24 -1.24 -6.25 -6.85
N GLY C 25 0.01 -5.89 -6.55
CA GLY C 25 0.38 -4.55 -6.10
C GLY C 25 0.96 -4.53 -4.70
N ALA C 26 2.22 -4.09 -4.58
CA ALA C 26 2.95 -4.00 -3.31
C ALA C 26 4.21 -4.87 -3.33
N GLY C 36 19.96 -10.06 -3.09
CA GLY C 36 21.15 -9.23 -3.02
C GLY C 36 20.90 -7.76 -3.28
N ALA C 37 21.95 -6.93 -3.07
CA ALA C 37 21.92 -5.47 -3.28
C ALA C 37 21.74 -5.13 -4.76
N THR C 38 22.38 -5.92 -5.66
CA THR C 38 22.28 -5.75 -7.11
C THR C 38 20.89 -6.16 -7.59
N SER C 39 20.27 -7.17 -6.94
CA SER C 39 18.94 -7.69 -7.24
C SER C 39 17.84 -6.66 -6.92
N ARG C 40 17.99 -5.93 -5.79
CA ARG C 40 17.06 -4.89 -5.34
C ARG C 40 17.03 -3.72 -6.33
N LYS C 41 18.22 -3.33 -6.85
CA LYS C 41 18.38 -2.26 -7.84
C LYS C 41 17.84 -2.68 -9.20
N ALA C 42 18.02 -3.96 -9.58
CA ALA C 42 17.54 -4.55 -10.84
C ALA C 42 16.02 -4.64 -10.85
N LEU C 43 15.40 -4.82 -9.65
CA LEU C 43 13.95 -4.89 -9.47
C LEU C 43 13.35 -3.48 -9.65
N GLU C 44 14.07 -2.44 -9.19
CA GLU C 44 13.67 -1.04 -9.30
C GLU C 44 13.80 -0.56 -10.76
N THR C 45 14.84 -1.04 -11.47
CA THR C 45 15.14 -0.72 -12.86
C THR C 45 14.04 -1.32 -13.75
N LEU C 46 13.56 -2.52 -13.38
CA LEU C 46 12.50 -3.26 -14.07
C LEU C 46 11.15 -2.54 -13.95
N ARG C 47 10.94 -1.80 -12.84
CA ARG C 47 9.71 -1.04 -12.56
C ARG C 47 9.57 0.19 -13.46
N ARG C 48 10.69 0.89 -13.76
CA ARG C 48 10.70 2.10 -14.58
C ARG C 48 10.63 1.78 -16.09
N VAL C 49 11.42 0.80 -16.55
CA VAL C 49 11.51 0.42 -17.96
C VAL C 49 10.30 -0.45 -18.37
N GLY C 50 10.09 -1.56 -17.66
CA GLY C 50 9.07 -2.57 -17.91
C GLY C 50 7.63 -2.12 -18.11
N ASP C 51 7.17 -1.13 -17.31
CA ASP C 51 5.78 -0.63 -17.37
C ASP C 51 5.46 -0.03 -18.75
N GLY C 52 6.38 0.79 -19.27
CA GLY C 52 6.26 1.44 -20.57
C GLY C 52 6.24 0.48 -21.75
N VAL C 53 6.99 -0.64 -21.64
CA VAL C 53 7.10 -1.70 -22.65
C VAL C 53 5.74 -2.42 -22.78
N GLN C 54 5.09 -2.72 -21.64
CA GLN C 54 3.77 -3.37 -21.56
C GLN C 54 2.70 -2.56 -22.29
N ARG C 55 2.75 -1.23 -22.15
CA ARG C 55 1.80 -0.31 -22.79
C ARG C 55 2.13 -0.14 -24.29
N ASN C 56 3.45 -0.10 -24.62
CA ASN C 56 3.94 0.06 -25.99
C ASN C 56 3.64 -1.16 -26.85
N HIS C 57 3.77 -2.36 -26.28
CA HIS C 57 3.52 -3.62 -26.98
C HIS C 57 2.14 -4.22 -26.69
N GLU C 58 1.23 -3.43 -26.07
CA GLU C 58 -0.14 -3.83 -25.69
C GLU C 58 -0.89 -4.61 -26.80
N THR C 59 -0.88 -4.10 -28.06
CA THR C 59 -1.54 -4.72 -29.22
C THR C 59 -1.02 -6.14 -29.45
N ALA C 60 0.32 -6.32 -29.54
CA ALA C 60 1.00 -7.61 -29.72
C ALA C 60 0.75 -8.54 -28.55
N PHE C 61 0.91 -8.01 -27.32
CA PHE C 61 0.75 -8.73 -26.06
C PHE C 61 -0.66 -9.32 -25.91
N GLN C 62 -1.70 -8.56 -26.30
CA GLN C 62 -3.09 -9.00 -26.26
C GLN C 62 -3.34 -10.15 -27.24
N GLY C 63 -2.82 -10.00 -28.47
CA GLY C 63 -2.94 -10.97 -29.55
C GLY C 63 -2.28 -12.30 -29.24
N MET C 64 -1.06 -12.25 -28.66
CA MET C 64 -0.30 -13.45 -28.28
C MET C 64 -0.93 -14.15 -27.06
N LEU C 65 -1.51 -13.37 -26.11
CA LEU C 65 -2.20 -13.91 -24.93
C LEU C 65 -3.48 -14.63 -25.34
N ARG C 66 -4.21 -14.06 -26.32
CA ARG C 66 -5.45 -14.61 -26.87
C ARG C 66 -5.20 -15.93 -27.60
N LYS C 67 -4.05 -16.02 -28.30
CA LYS C 67 -3.66 -17.21 -29.05
C LYS C 67 -3.19 -18.34 -28.13
N LEU C 68 -2.46 -17.98 -27.04
CA LEU C 68 -1.92 -18.94 -26.08
C LEU C 68 -3.00 -19.61 -25.22
N ASP C 69 -4.13 -18.91 -24.96
CA ASP C 69 -5.27 -19.38 -24.14
C ASP C 69 -4.76 -19.86 -22.76
N ILE C 70 -4.13 -18.93 -22.02
CA ILE C 70 -3.52 -19.17 -20.72
C ILE C 70 -4.14 -18.27 -19.65
N ASP C 74 -1.11 -25.88 -15.69
CA ASP C 74 -0.85 -26.73 -16.85
C ASP C 74 -0.48 -25.89 -18.07
N ASP C 75 -1.32 -24.89 -18.40
CA ASP C 75 -1.13 -23.95 -19.51
C ASP C 75 0.12 -23.09 -19.29
N VAL C 76 0.41 -22.79 -18.01
CA VAL C 76 1.55 -22.02 -17.54
C VAL C 76 2.84 -22.86 -17.68
N LYS C 77 2.79 -24.15 -17.27
CA LYS C 77 3.91 -25.09 -17.33
C LYS C 77 4.24 -25.50 -18.77
N SER C 78 3.27 -25.41 -19.69
CA SER C 78 3.46 -25.76 -21.11
C SER C 78 3.86 -24.55 -21.96
N LEU C 79 3.92 -23.34 -21.35
CA LEU C 79 4.32 -22.11 -22.03
C LEU C 79 5.85 -22.05 -22.22
N SER C 80 6.59 -22.86 -21.43
CA SER C 80 8.06 -22.99 -21.44
C SER C 80 8.58 -23.36 -22.84
N ARG C 81 7.96 -24.36 -23.49
CA ARG C 81 8.33 -24.83 -24.83
C ARG C 81 8.07 -23.73 -25.88
N VAL C 82 6.94 -23.00 -25.71
CA VAL C 82 6.53 -21.90 -26.59
C VAL C 82 7.57 -20.77 -26.48
N MET C 83 7.95 -20.40 -25.25
CA MET C 83 8.90 -19.33 -24.96
C MET C 83 10.29 -19.62 -25.54
N ILE C 84 10.79 -20.88 -25.39
CA ILE C 84 12.08 -21.34 -25.92
C ILE C 84 12.09 -21.11 -27.45
N HIS C 85 11.06 -21.63 -28.15
CA HIS C 85 10.87 -21.53 -29.60
C HIS C 85 10.94 -20.09 -30.13
N VAL C 86 10.34 -19.13 -29.41
CA VAL C 86 10.26 -17.71 -29.81
C VAL C 86 11.54 -16.94 -29.42
N PHE C 87 11.95 -17.00 -28.13
CA PHE C 87 13.11 -16.27 -27.60
C PHE C 87 14.46 -16.73 -28.20
N SER C 88 14.53 -17.95 -28.79
CA SER C 88 15.77 -18.48 -29.35
C SER C 88 16.03 -17.98 -30.78
N ASP C 89 16.90 -16.97 -30.89
CA ASP C 89 17.37 -16.33 -32.13
C ASP C 89 18.67 -15.59 -31.84
N GLY C 90 19.61 -15.66 -32.77
CA GLY C 90 20.96 -15.07 -32.69
C GLY C 90 21.13 -13.74 -32.01
N VAL C 91 20.10 -12.87 -32.02
CA VAL C 91 20.15 -11.53 -31.43
C VAL C 91 19.77 -11.59 -29.93
N THR C 92 20.64 -11.01 -29.08
CA THR C 92 20.49 -10.95 -27.62
C THR C 92 20.89 -9.56 -27.11
N ASN C 93 19.98 -8.92 -26.36
CA ASN C 93 20.14 -7.59 -25.76
C ASN C 93 19.19 -7.43 -24.56
N TRP C 94 19.46 -6.44 -23.69
CA TRP C 94 18.65 -6.15 -22.51
C TRP C 94 17.23 -5.69 -22.87
N GLY C 95 17.08 -5.06 -24.05
CA GLY C 95 15.80 -4.61 -24.57
C GLY C 95 14.84 -5.75 -24.85
N ARG C 96 15.39 -6.86 -25.37
CA ARG C 96 14.65 -8.08 -25.69
C ARG C 96 14.37 -8.89 -24.40
N ILE C 97 15.28 -8.81 -23.41
CA ILE C 97 15.13 -9.53 -22.14
C ILE C 97 14.02 -8.86 -21.29
N VAL C 98 13.95 -7.51 -21.28
CA VAL C 98 12.95 -6.75 -20.54
C VAL C 98 11.53 -7.04 -21.08
N THR C 99 11.35 -6.97 -22.42
CA THR C 99 10.07 -7.20 -23.09
C THR C 99 9.53 -8.64 -22.85
N LEU C 100 10.43 -9.66 -22.72
CA LEU C 100 10.02 -11.03 -22.40
C LEU C 100 9.49 -11.10 -20.96
N ILE C 101 10.18 -10.41 -20.01
CA ILE C 101 9.80 -10.32 -18.60
C ILE C 101 8.48 -9.52 -18.50
N SER C 102 8.35 -8.43 -19.30
CA SER C 102 7.17 -7.56 -19.37
C SER C 102 5.95 -8.33 -19.87
N PHE C 103 6.13 -9.31 -20.78
CA PHE C 103 5.04 -10.16 -21.26
C PHE C 103 4.60 -11.10 -20.15
N GLY C 104 5.55 -11.53 -19.33
CA GLY C 104 5.32 -12.36 -18.15
C GLY C 104 4.46 -11.61 -17.15
N ALA C 105 4.76 -10.29 -16.99
CA ALA C 105 4.01 -9.39 -16.12
C ALA C 105 2.59 -9.20 -16.66
N PHE C 106 2.45 -9.09 -18.01
CA PHE C 106 1.17 -8.95 -18.73
C PHE C 106 0.30 -10.20 -18.51
N VAL C 107 0.93 -11.41 -18.55
CA VAL C 107 0.29 -12.70 -18.30
C VAL C 107 -0.08 -12.79 -16.81
N ALA C 108 0.83 -12.34 -15.90
CA ALA C 108 0.61 -12.32 -14.45
C ALA C 108 -0.58 -11.43 -14.10
N LYS C 109 -0.73 -10.28 -14.79
CA LYS C 109 -1.85 -9.35 -14.62
C LYS C 109 -3.16 -10.03 -15.03
N HIS C 110 -3.11 -10.80 -16.14
CA HIS C 110 -4.25 -11.55 -16.69
C HIS C 110 -4.63 -12.70 -15.75
N LEU C 111 -3.62 -13.38 -15.16
CA LEU C 111 -3.81 -14.49 -14.22
C LEU C 111 -4.51 -14.04 -12.94
N LYS C 112 -4.18 -12.83 -12.43
CA LYS C 112 -4.79 -12.24 -11.23
C LYS C 112 -6.26 -11.85 -11.49
N THR C 113 -6.57 -11.47 -12.76
CA THR C 113 -7.91 -11.08 -13.20
C THR C 113 -8.82 -12.33 -13.25
N ILE C 114 -8.28 -13.49 -13.69
CA ILE C 114 -9.03 -14.75 -13.76
C ILE C 114 -8.90 -15.56 -12.44
N ASN C 115 -8.49 -14.87 -11.35
CA ASN C 115 -8.32 -15.34 -9.97
C ASN C 115 -7.41 -16.58 -9.89
N GLN C 116 -6.21 -16.49 -10.50
CA GLN C 116 -5.19 -17.55 -10.51
C GLN C 116 -3.84 -16.96 -10.08
N GLU C 117 -3.78 -16.47 -8.83
CA GLU C 117 -2.59 -15.87 -8.23
C GLU C 117 -1.52 -16.92 -7.94
N SER C 118 -1.95 -18.18 -7.68
CA SER C 118 -1.07 -19.32 -7.39
C SER C 118 -0.21 -19.72 -8.59
N CYS C 119 -0.68 -19.43 -9.83
CA CYS C 119 0.00 -19.75 -11.08
C CYS C 119 1.08 -18.70 -11.46
N ILE C 120 1.24 -17.62 -10.67
CA ILE C 120 2.21 -16.56 -10.94
C ILE C 120 3.66 -17.04 -10.67
N GLU C 121 3.85 -17.89 -9.64
CA GLU C 121 5.17 -18.44 -9.28
C GLU C 121 5.69 -19.43 -10.35
N PRO C 122 4.92 -20.47 -10.81
CA PRO C 122 5.44 -21.36 -11.87
C PRO C 122 5.76 -20.62 -13.18
N LEU C 123 4.98 -19.57 -13.50
CA LEU C 123 5.15 -18.74 -14.70
C LEU C 123 6.49 -18.02 -14.63
N ALA C 124 6.83 -17.48 -13.44
CA ALA C 124 8.10 -16.79 -13.16
C ALA C 124 9.26 -17.77 -13.27
N GLU C 125 9.06 -19.02 -12.79
CA GLU C 125 10.05 -20.10 -12.85
C GLU C 125 10.29 -20.51 -14.30
N SER C 126 9.19 -20.52 -15.09
CA SER C 126 9.21 -20.87 -16.50
C SER C 126 9.97 -19.81 -17.32
N ILE C 127 9.78 -18.50 -17.02
CA ILE C 127 10.49 -17.41 -17.72
C ILE C 127 11.97 -17.46 -17.35
N THR C 128 12.29 -17.68 -16.05
CA THR C 128 13.65 -17.75 -15.53
C THR C 128 14.39 -18.95 -16.16
N ASP C 129 13.75 -20.13 -16.22
CA ASP C 129 14.35 -21.33 -16.82
C ASP C 129 14.74 -21.07 -18.29
N VAL C 130 13.82 -20.45 -19.06
CA VAL C 130 14.01 -20.13 -20.49
C VAL C 130 15.16 -19.11 -20.66
N LEU C 131 15.15 -18.01 -19.88
CA LEU C 131 16.15 -16.95 -19.95
C LEU C 131 17.57 -17.45 -19.61
N VAL C 132 17.72 -18.19 -18.50
CA VAL C 132 19.00 -18.71 -18.02
C VAL C 132 19.54 -19.77 -19.01
N ARG C 133 18.73 -20.80 -19.37
CA ARG C 133 19.14 -21.89 -20.26
C ARG C 133 19.51 -21.44 -21.69
N THR C 134 18.83 -20.42 -22.25
CA THR C 134 19.11 -20.00 -23.63
C THR C 134 20.11 -18.84 -23.76
N LYS C 135 20.29 -18.00 -22.71
CA LYS C 135 21.16 -16.82 -22.81
C LYS C 135 22.26 -16.74 -21.72
N ARG C 136 22.62 -17.87 -21.08
CA ARG C 136 23.60 -17.96 -19.99
C ARG C 136 24.97 -17.32 -20.31
N ASP C 137 25.55 -17.61 -21.51
CA ASP C 137 26.87 -17.08 -21.91
C ASP C 137 26.86 -15.56 -21.99
N TRP C 138 25.81 -14.98 -22.58
CA TRP C 138 25.65 -13.53 -22.74
C TRP C 138 25.41 -12.85 -21.40
N LEU C 139 24.57 -13.46 -20.53
CA LEU C 139 24.21 -12.94 -19.21
C LEU C 139 25.43 -12.83 -18.29
N VAL C 140 26.30 -13.87 -18.28
CA VAL C 140 27.53 -13.90 -17.46
C VAL C 140 28.58 -12.95 -18.09
N LYS C 141 28.55 -12.76 -19.44
CA LYS C 141 29.46 -11.87 -20.15
C LYS C 141 29.15 -10.41 -19.84
N GLN C 142 27.87 -10.08 -19.61
CA GLN C 142 27.39 -8.74 -19.27
C GLN C 142 27.41 -8.52 -17.74
N ARG C 143 28.07 -9.43 -16.99
CA ARG C 143 28.25 -9.45 -15.54
C ARG C 143 26.89 -9.47 -14.79
N GLY C 144 26.04 -10.44 -15.16
CA GLY C 144 24.73 -10.68 -14.58
C GLY C 144 23.75 -9.52 -14.62
N TRP C 145 23.04 -9.30 -13.51
CA TRP C 145 22.06 -8.22 -13.36
C TRP C 145 22.73 -6.88 -13.03
N ASP C 146 24.04 -6.89 -12.69
CA ASP C 146 24.81 -5.68 -12.39
C ASP C 146 25.00 -4.85 -13.68
N GLY C 147 25.18 -5.54 -14.81
CA GLY C 147 25.32 -4.93 -16.12
C GLY C 147 24.00 -4.44 -16.69
N PHE C 148 22.89 -5.03 -16.21
CA PHE C 148 21.52 -4.66 -16.59
C PHE C 148 21.20 -3.26 -16.04
N VAL C 149 21.60 -3.00 -14.78
CA VAL C 149 21.41 -1.71 -14.09
C VAL C 149 22.31 -0.67 -14.78
N GLU C 150 23.55 -1.07 -15.15
CA GLU C 150 24.54 -0.23 -15.83
C GLU C 150 24.04 0.21 -17.22
N PHE C 151 23.31 -0.67 -17.93
CA PHE C 151 22.76 -0.40 -19.26
C PHE C 151 21.61 0.62 -19.19
N PHE C 152 20.59 0.37 -18.34
CA PHE C 152 19.45 1.28 -18.18
C PHE C 152 19.73 2.31 -17.08
N HIS C 153 20.12 3.53 -17.49
CA HIS C 153 20.42 4.64 -16.59
C HIS C 153 19.22 5.57 -16.46
N ASP D 5 -2.25 -0.37 -11.05
CA ASP D 5 -2.23 0.79 -11.94
C ASP D 5 -2.59 2.06 -11.15
N GLU D 6 -1.62 3.00 -11.08
CA GLU D 6 -1.75 4.28 -10.36
C GLU D 6 -2.85 5.14 -10.99
N LEU D 7 -2.94 5.11 -12.34
CA LEU D 7 -3.93 5.83 -13.14
C LEU D 7 -5.35 5.36 -12.80
N TYR D 8 -5.53 4.04 -12.54
CA TYR D 8 -6.82 3.46 -12.15
C TYR D 8 -7.22 3.98 -10.77
N ARG D 9 -6.30 3.88 -9.77
CA ARG D 9 -6.49 4.32 -8.39
C ARG D 9 -6.82 5.82 -8.31
N GLN D 10 -6.06 6.67 -9.05
CA GLN D 10 -6.24 8.12 -9.10
C GLN D 10 -7.64 8.45 -9.65
N SER D 11 -8.03 7.81 -10.78
CA SER D 11 -9.33 7.99 -11.43
C SER D 11 -10.47 7.45 -10.56
N LEU D 12 -10.22 6.34 -9.84
CA LEU D 12 -11.21 5.70 -8.97
C LEU D 12 -11.57 6.61 -7.80
N GLU D 13 -10.56 7.28 -7.20
CA GLU D 13 -10.74 8.19 -6.07
C GLU D 13 -11.55 9.43 -6.47
N ILE D 14 -11.23 10.04 -7.63
CA ILE D 14 -11.89 11.24 -8.15
C ILE D 14 -13.37 10.94 -8.47
N ILE D 15 -13.65 9.86 -9.23
CA ILE D 15 -15.00 9.48 -9.62
C ILE D 15 -15.84 9.05 -8.38
N SER D 16 -15.30 8.17 -7.50
CA SER D 16 -16.01 7.68 -6.31
C SER D 16 -16.41 8.80 -5.35
N ARG D 17 -15.49 9.78 -5.12
CA ARG D 17 -15.75 10.92 -4.23
C ARG D 17 -16.84 11.83 -4.80
N TYR D 18 -16.80 12.09 -6.13
CA TYR D 18 -17.78 12.95 -6.79
C TYR D 18 -19.17 12.29 -6.84
N LEU D 19 -19.24 11.00 -7.21
CA LEU D 19 -20.48 10.23 -7.30
C LEU D 19 -21.17 10.08 -5.93
N ARG D 20 -20.40 9.94 -4.84
CA ARG D 20 -20.95 9.82 -3.49
C ARG D 20 -21.44 11.19 -2.96
N GLU D 21 -20.71 12.28 -3.27
CA GLU D 21 -21.03 13.66 -2.87
C GLU D 21 -22.36 14.12 -3.45
N GLN D 22 -22.61 13.82 -4.73
CA GLN D 22 -23.83 14.19 -5.46
C GLN D 22 -25.04 13.37 -4.96
N ALA D 23 -24.79 12.13 -4.46
CA ALA D 23 -25.82 11.22 -3.97
C ALA D 23 -26.17 11.46 -2.48
N THR D 24 -25.18 11.79 -1.63
CA THR D 24 -25.43 12.01 -0.19
C THR D 24 -24.54 13.11 0.42
N GLY D 25 -23.26 13.15 0.05
CA GLY D 25 -22.30 14.13 0.57
C GLY D 25 -21.52 13.59 1.75
N ALA D 26 -20.23 13.24 1.52
CA ALA D 26 -19.34 12.69 2.54
C ALA D 26 -17.85 12.94 2.22
N LYS D 27 -17.01 11.88 2.13
CA LYS D 27 -17.38 10.47 2.30
C LYS D 27 -16.57 9.79 3.45
N ASP D 28 -15.21 9.61 3.39
CA ASP D 28 -14.22 9.92 2.34
C ASP D 28 -13.04 8.95 2.41
N THR D 29 -12.56 8.48 1.23
CA THR D 29 -11.44 7.53 1.12
C THR D 29 -10.40 7.99 0.07
N LYS D 30 -9.16 7.47 0.18
CA LYS D 30 -8.05 7.73 -0.73
C LYS D 30 -7.57 6.41 -1.33
N SER D 35 -4.76 10.49 -3.66
CA SER D 35 -4.96 11.93 -3.70
C SER D 35 -3.63 12.71 -3.66
N GLY D 36 -3.69 13.95 -4.14
CA GLY D 36 -2.58 14.89 -4.21
C GLY D 36 -3.04 16.22 -4.77
N ALA D 37 -2.12 16.99 -5.37
CA ALA D 37 -2.44 18.30 -5.97
C ALA D 37 -3.31 18.12 -7.23
N THR D 38 -3.13 17.01 -7.96
CA THR D 38 -3.89 16.70 -9.17
C THR D 38 -5.32 16.23 -8.82
N SER D 39 -5.47 15.28 -7.88
CA SER D 39 -6.76 14.72 -7.46
C SER D 39 -7.67 15.77 -6.81
N ARG D 40 -7.11 16.68 -5.98
CA ARG D 40 -7.86 17.73 -5.31
C ARG D 40 -8.41 18.74 -6.31
N LYS D 41 -7.58 19.19 -7.27
CA LYS D 41 -7.96 20.14 -8.31
C LYS D 41 -8.95 19.52 -9.32
N ALA D 42 -8.78 18.23 -9.66
CA ALA D 42 -9.67 17.52 -10.59
C ALA D 42 -11.07 17.34 -10.00
N LEU D 43 -11.15 17.08 -8.69
CA LEU D 43 -12.43 16.93 -7.98
C LEU D 43 -13.12 18.29 -7.83
N GLU D 44 -12.31 19.38 -7.67
CA GLU D 44 -12.81 20.75 -7.55
C GLU D 44 -13.41 21.22 -8.88
N THR D 45 -12.76 20.84 -10.00
CA THR D 45 -13.21 21.16 -11.37
C THR D 45 -14.54 20.45 -11.64
N LEU D 46 -14.63 19.17 -11.24
CA LEU D 46 -15.79 18.31 -11.37
C LEU D 46 -16.98 18.83 -10.57
N ARG D 47 -16.73 19.38 -9.36
CA ARG D 47 -17.75 19.96 -8.48
C ARG D 47 -18.38 21.22 -9.10
N ARG D 48 -17.56 22.04 -9.78
CA ARG D 48 -17.97 23.31 -10.39
C ARG D 48 -18.78 23.14 -11.67
N VAL D 49 -18.34 22.28 -12.63
CA VAL D 49 -19.01 22.12 -13.92
C VAL D 49 -20.07 20.99 -13.92
N GLY D 50 -19.81 19.90 -13.20
CA GLY D 50 -20.65 18.71 -13.12
C GLY D 50 -22.13 18.90 -12.87
N ASP D 51 -22.50 19.83 -11.96
CA ASP D 51 -23.90 20.13 -11.64
C ASP D 51 -24.60 20.79 -12.84
N GLY D 52 -23.88 21.68 -13.53
CA GLY D 52 -24.35 22.39 -14.71
C GLY D 52 -24.60 21.45 -15.88
N VAL D 53 -23.69 20.48 -16.08
CA VAL D 53 -23.76 19.46 -17.14
C VAL D 53 -24.99 18.56 -16.90
N GLN D 54 -25.21 18.12 -15.65
CA GLN D 54 -26.34 17.27 -15.24
C GLN D 54 -27.69 17.96 -15.48
N ARG D 55 -27.78 19.28 -15.20
CA ARG D 55 -28.99 20.08 -15.39
C ARG D 55 -29.28 20.30 -16.88
N ASN D 56 -28.22 20.48 -17.69
CA ASN D 56 -28.33 20.71 -19.12
C ASN D 56 -28.69 19.43 -19.89
N HIS D 57 -28.19 18.27 -19.44
CA HIS D 57 -28.47 16.97 -20.07
C HIS D 57 -29.61 16.21 -19.38
N GLU D 58 -30.33 16.86 -18.43
CA GLU D 58 -31.43 16.29 -17.64
C GLU D 58 -32.44 15.51 -18.49
N THR D 59 -32.78 16.00 -19.68
CA THR D 59 -33.73 15.35 -20.60
C THR D 59 -33.09 14.11 -21.28
N ALA D 60 -31.82 14.23 -21.73
CA ALA D 60 -31.08 13.14 -22.40
C ALA D 60 -30.72 12.02 -21.42
N PHE D 61 -30.19 12.39 -20.22
CA PHE D 61 -29.78 11.47 -19.16
C PHE D 61 -30.95 10.64 -18.62
N GLN D 62 -32.15 11.25 -18.49
CA GLN D 62 -33.38 10.60 -18.01
C GLN D 62 -33.81 9.48 -18.96
N GLY D 63 -33.80 9.77 -20.27
CA GLY D 63 -34.16 8.84 -21.32
C GLY D 63 -33.18 7.68 -21.44
N MET D 64 -31.89 7.97 -21.19
CA MET D 64 -30.81 6.98 -21.19
C MET D 64 -30.99 6.02 -20.01
N LEU D 65 -31.35 6.56 -18.82
CA LEU D 65 -31.59 5.82 -17.58
C LEU D 65 -32.77 4.84 -17.75
N ARG D 66 -33.74 5.17 -18.62
CA ARG D 66 -34.91 4.32 -18.89
C ARG D 66 -34.53 3.13 -19.78
N LYS D 67 -33.65 3.36 -20.79
CA LYS D 67 -33.20 2.33 -21.74
C LYS D 67 -32.27 1.32 -21.06
N LEU D 68 -31.40 1.79 -20.14
CA LEU D 68 -30.44 0.95 -19.42
C LEU D 68 -31.09 0.21 -18.25
N ASP D 69 -32.05 0.88 -17.57
CA ASP D 69 -32.82 0.40 -16.42
C ASP D 69 -31.91 -0.08 -15.26
N ILE D 70 -31.46 0.88 -14.43
CA ILE D 70 -30.61 0.60 -13.27
C ILE D 70 -31.50 0.38 -12.04
N LYS D 71 -31.34 -0.76 -11.36
CA LYS D 71 -32.14 -1.11 -10.19
C LYS D 71 -31.32 -1.86 -9.12
N ASN D 72 -30.26 -2.58 -9.53
CA ASN D 72 -29.40 -3.35 -8.64
C ASN D 72 -27.92 -3.28 -9.08
N GLU D 73 -27.03 -4.02 -8.38
CA GLU D 73 -25.59 -4.07 -8.68
C GLU D 73 -25.31 -4.83 -9.98
N ASP D 74 -26.19 -5.78 -10.36
CA ASP D 74 -26.07 -6.59 -11.58
C ASP D 74 -26.23 -5.71 -12.82
N ASP D 75 -27.24 -4.81 -12.82
CA ASP D 75 -27.53 -3.86 -13.90
C ASP D 75 -26.38 -2.86 -14.06
N VAL D 76 -25.72 -2.53 -12.92
CA VAL D 76 -24.56 -1.64 -12.84
C VAL D 76 -23.34 -2.36 -13.46
N LYS D 77 -23.19 -3.67 -13.18
CA LYS D 77 -22.12 -4.52 -13.70
C LYS D 77 -22.29 -4.80 -15.20
N SER D 78 -23.56 -4.94 -15.65
CA SER D 78 -23.91 -5.20 -17.05
C SER D 78 -23.69 -3.98 -17.95
N LEU D 79 -23.72 -2.77 -17.37
CA LEU D 79 -23.55 -1.50 -18.08
C LEU D 79 -22.10 -1.27 -18.56
N SER D 80 -21.12 -1.98 -17.96
CA SER D 80 -19.69 -1.87 -18.25
C SER D 80 -19.36 -2.13 -19.72
N ARG D 81 -19.79 -3.29 -20.28
CA ARG D 81 -19.51 -3.69 -21.66
C ARG D 81 -20.20 -2.76 -22.67
N VAL D 82 -21.39 -2.24 -22.33
CA VAL D 82 -22.17 -1.32 -23.16
C VAL D 82 -21.44 0.04 -23.24
N MET D 83 -20.91 0.50 -22.08
CA MET D 83 -20.12 1.74 -21.97
C MET D 83 -18.81 1.66 -22.77
N ILE D 84 -18.14 0.48 -22.74
CA ILE D 84 -16.88 0.20 -23.46
C ILE D 84 -17.11 0.30 -24.98
N HIS D 85 -18.21 -0.27 -25.49
CA HIS D 85 -18.56 -0.26 -26.92
C HIS D 85 -18.81 1.16 -27.46
N VAL D 86 -19.45 2.03 -26.66
CA VAL D 86 -19.73 3.42 -27.04
C VAL D 86 -18.40 4.20 -27.06
N PHE D 87 -17.53 3.95 -26.07
CA PHE D 87 -16.20 4.55 -25.91
C PHE D 87 -15.10 3.82 -26.70
N SER D 88 -15.46 2.76 -27.47
CA SER D 88 -14.49 1.98 -28.27
C SER D 88 -13.87 2.82 -29.39
N ASP D 89 -14.61 3.80 -29.93
CA ASP D 89 -14.14 4.72 -30.98
C ASP D 89 -12.97 5.58 -30.46
N GLY D 90 -12.11 6.01 -31.38
CA GLY D 90 -10.93 6.81 -31.05
C GLY D 90 -11.17 8.22 -30.57
N VAL D 91 -12.43 8.70 -30.62
CA VAL D 91 -12.82 10.05 -30.20
C VAL D 91 -12.70 10.16 -28.67
N THR D 92 -11.75 10.99 -28.22
CA THR D 92 -11.47 11.21 -26.80
C THR D 92 -11.09 12.66 -26.52
N ASN D 93 -11.76 13.23 -25.51
CA ASN D 93 -11.58 14.58 -25.00
C ASN D 93 -12.12 14.62 -23.57
N TRP D 94 -11.66 15.58 -22.75
CA TRP D 94 -12.09 15.70 -21.35
C TRP D 94 -13.58 16.08 -21.24
N GLY D 95 -14.11 16.76 -22.25
CA GLY D 95 -15.51 17.14 -22.32
C GLY D 95 -16.44 15.93 -22.35
N ARG D 96 -16.02 14.89 -23.11
CA ARG D 96 -16.74 13.62 -23.23
C ARG D 96 -16.65 12.82 -21.92
N ILE D 97 -15.49 12.91 -21.25
CA ILE D 97 -15.19 12.23 -19.99
C ILE D 97 -16.03 12.85 -18.86
N VAL D 98 -16.13 14.20 -18.82
CA VAL D 98 -16.92 14.95 -17.83
C VAL D 98 -18.40 14.54 -17.92
N THR D 99 -18.93 14.37 -19.14
CA THR D 99 -20.32 14.01 -19.39
C THR D 99 -20.66 12.59 -18.87
N LEU D 100 -19.76 11.61 -19.05
CA LEU D 100 -19.97 10.24 -18.59
C LEU D 100 -19.92 10.17 -17.05
N ILE D 101 -19.05 10.99 -16.42
CA ILE D 101 -18.91 11.07 -14.96
C ILE D 101 -20.16 11.77 -14.42
N SER D 102 -20.68 12.79 -15.15
CA SER D 102 -21.88 13.53 -14.80
C SER D 102 -23.10 12.62 -14.90
N PHE D 103 -23.12 11.73 -15.93
CA PHE D 103 -24.19 10.74 -16.12
C PHE D 103 -24.12 9.73 -14.97
N GLY D 104 -22.91 9.39 -14.53
CA GLY D 104 -22.66 8.49 -13.41
C GLY D 104 -23.19 9.07 -12.12
N ALA D 105 -22.99 10.39 -11.91
CA ALA D 105 -23.47 11.15 -10.75
C ALA D 105 -25.00 11.20 -10.76
N PHE D 106 -25.60 11.26 -11.97
CA PHE D 106 -27.05 11.26 -12.20
C PHE D 106 -27.63 9.89 -11.84
N VAL D 107 -26.92 8.79 -12.19
CA VAL D 107 -27.30 7.42 -11.88
C VAL D 107 -27.15 7.20 -10.34
N ALA D 108 -26.07 7.78 -9.76
CA ALA D 108 -25.78 7.72 -8.32
C ALA D 108 -26.89 8.41 -7.50
N LYS D 109 -27.45 9.52 -8.03
CA LYS D 109 -28.55 10.26 -7.40
C LYS D 109 -29.81 9.40 -7.40
N HIS D 110 -30.10 8.74 -8.54
CA HIS D 110 -31.23 7.82 -8.75
C HIS D 110 -31.10 6.60 -7.83
N LEU D 111 -29.86 6.08 -7.68
CA LEU D 111 -29.50 4.95 -6.82
C LEU D 111 -29.86 5.24 -5.36
N LYS D 112 -29.60 6.48 -4.89
CA LYS D 112 -29.91 6.93 -3.53
C LYS D 112 -31.42 7.01 -3.29
N THR D 113 -32.18 7.38 -4.35
CA THR D 113 -33.64 7.52 -4.32
C THR D 113 -34.33 6.15 -4.14
N ILE D 114 -33.81 5.10 -4.82
CA ILE D 114 -34.36 3.74 -4.77
C ILE D 114 -33.63 2.85 -3.73
N ASN D 115 -32.97 3.48 -2.73
CA ASN D 115 -32.24 2.88 -1.62
C ASN D 115 -31.20 1.82 -2.09
N GLN D 116 -30.37 2.20 -3.08
CA GLN D 116 -29.32 1.35 -3.64
C GLN D 116 -27.96 2.05 -3.46
N GLU D 117 -27.69 2.50 -2.22
CA GLU D 117 -26.49 3.23 -1.78
C GLU D 117 -25.20 2.42 -2.03
N SER D 118 -25.26 1.09 -1.83
CA SER D 118 -24.14 0.17 -1.99
C SER D 118 -23.70 0.05 -3.46
N CYS D 119 -24.64 0.26 -4.40
CA CYS D 119 -24.40 0.16 -5.85
C CYS D 119 -23.61 1.37 -6.41
N ILE D 120 -23.42 2.43 -5.61
CA ILE D 120 -22.69 3.64 -6.02
C ILE D 120 -21.19 3.35 -6.18
N GLU D 121 -20.61 2.47 -5.34
CA GLU D 121 -19.20 2.08 -5.38
C GLU D 121 -18.89 1.27 -6.68
N PRO D 122 -19.60 0.15 -7.04
CA PRO D 122 -19.27 -0.56 -8.29
C PRO D 122 -19.54 0.25 -9.56
N LEU D 123 -20.46 1.26 -9.49
CA LEU D 123 -20.77 2.14 -10.62
C LEU D 123 -19.57 3.02 -10.94
N ALA D 124 -18.96 3.61 -9.89
CA ALA D 124 -17.76 4.43 -9.99
C ALA D 124 -16.60 3.59 -10.51
N GLU D 125 -16.53 2.30 -10.10
CA GLU D 125 -15.55 1.31 -10.54
C GLU D 125 -15.73 1.02 -12.02
N SER D 126 -17.00 0.81 -12.46
CA SER D 126 -17.40 0.51 -13.83
C SER D 126 -16.99 1.64 -14.79
N ILE D 127 -17.27 2.92 -14.43
CA ILE D 127 -16.90 4.08 -15.24
C ILE D 127 -15.36 4.20 -15.29
N THR D 128 -14.67 4.01 -14.14
CA THR D 128 -13.20 4.05 -14.05
C THR D 128 -12.57 2.99 -14.96
N ASP D 129 -13.11 1.74 -14.92
CA ASP D 129 -12.63 0.63 -15.75
C ASP D 129 -12.76 0.95 -17.25
N VAL D 130 -13.85 1.62 -17.65
CA VAL D 130 -14.12 2.04 -19.03
C VAL D 130 -13.09 3.13 -19.44
N LEU D 131 -12.86 4.12 -18.57
CA LEU D 131 -11.92 5.24 -18.80
C LEU D 131 -10.47 4.75 -18.89
N VAL D 132 -10.11 3.70 -18.13
CA VAL D 132 -8.75 3.16 -18.13
C VAL D 132 -8.57 2.16 -19.28
N ARG D 133 -9.40 1.09 -19.37
CA ARG D 133 -9.30 0.06 -20.41
C ARG D 133 -9.35 0.61 -21.84
N THR D 134 -10.15 1.67 -22.10
CA THR D 134 -10.28 2.23 -23.45
C THR D 134 -9.38 3.45 -23.70
N LYS D 135 -9.09 4.28 -22.67
CA LYS D 135 -8.31 5.51 -22.88
C LYS D 135 -7.01 5.62 -22.04
N ARG D 136 -6.37 4.47 -21.69
CA ARG D 136 -5.12 4.44 -20.90
C ARG D 136 -4.00 5.28 -21.53
N ASP D 137 -3.69 5.06 -22.83
CA ASP D 137 -2.63 5.73 -23.58
C ASP D 137 -2.85 7.25 -23.67
N TRP D 138 -4.08 7.69 -24.01
CA TRP D 138 -4.47 9.10 -24.14
C TRP D 138 -4.32 9.84 -22.80
N LEU D 139 -4.64 9.16 -21.68
CA LEU D 139 -4.54 9.69 -20.32
C LEU D 139 -3.08 9.87 -19.88
N VAL D 140 -2.20 8.90 -20.20
CA VAL D 140 -0.76 8.86 -19.86
C VAL D 140 -0.03 10.02 -20.55
N LYS D 141 -0.41 10.35 -21.82
CA LYS D 141 0.18 11.42 -22.62
C LYS D 141 0.06 12.80 -21.94
N GLN D 142 -1.00 13.00 -21.12
CA GLN D 142 -1.26 14.24 -20.38
C GLN D 142 -0.86 14.10 -18.90
N ARG D 143 -0.20 12.97 -18.53
CA ARG D 143 0.24 12.62 -17.17
C ARG D 143 -1.00 12.52 -16.25
N GLY D 144 -1.99 11.75 -16.70
CA GLY D 144 -3.24 11.52 -16.00
C GLY D 144 -4.21 12.68 -16.05
N TRP D 145 -4.73 13.05 -14.87
CA TRP D 145 -5.70 14.13 -14.69
C TRP D 145 -5.04 15.52 -14.64
N ASP D 146 -3.70 15.60 -14.88
CA ASP D 146 -2.93 16.84 -14.93
C ASP D 146 -3.40 17.72 -16.09
N GLY D 147 -3.65 17.09 -17.24
CA GLY D 147 -4.12 17.72 -18.46
C GLY D 147 -5.55 18.21 -18.37
N PHE D 148 -6.38 17.54 -17.54
CA PHE D 148 -7.79 17.85 -17.29
C PHE D 148 -7.93 19.20 -16.58
N VAL D 149 -7.05 19.47 -15.62
CA VAL D 149 -7.01 20.72 -14.85
C VAL D 149 -6.40 21.83 -15.73
N GLU D 150 -5.37 21.48 -16.54
CA GLU D 150 -4.65 22.38 -17.44
C GLU D 150 -5.52 22.91 -18.61
N PHE D 151 -6.55 22.15 -19.04
CA PHE D 151 -7.40 22.56 -20.17
C PHE D 151 -8.70 23.26 -19.73
N PHE D 152 -9.39 22.73 -18.70
CA PHE D 152 -10.66 23.27 -18.21
C PHE D 152 -10.53 24.63 -17.48
N HIS D 153 -9.31 24.99 -17.00
CA HIS D 153 -9.05 26.25 -16.29
C HIS D 153 -9.12 27.44 -17.25
#